data_7OGI
#
_entry.id   7OGI
#
_cell.length_a   56.735
_cell.length_b   56.735
_cell.length_c   87.305
_cell.angle_alpha   90.000
_cell.angle_beta   90.000
_cell.angle_gamma   90.000
#
_symmetry.space_group_name_H-M   'P 41 21 2'
#
loop_
_entity.id
_entity.type
_entity.pdbx_description
1 polymer 'Peptidyl-prolyl cis-trans isomerase F, mitochondrial'
2 non-polymer N-(5-ethyl-4-oxidanylidene-1,2,3,6-tetrahydro-1,5-benzodiazocin-8-yl)-7-methyl-2-oxidanylidene-1H-pyrazolo[1,5-a]pyrimidine-6-carboxamide
3 non-polymer 'DIMETHYL SULFOXIDE'
4 non-polymer 'TETRAETHYLENE GLYCOL'
5 water water
#
_entity_poly.entity_id   1
_entity_poly.type   'polypeptide(L)'
_entity_poly.pdbx_seq_one_letter_code
;MGNPLVYLDVDANGKPLGRVVLELKADVVPKTAENFRALCTGEKGFGYKGSTFHRVIPSFMCQAGDFTNHNGTGGKSIYG
SRFPDENFTLKHVGPGVLSMANAGPNTNGSQFFICTIKTDWLDGKHVVFGHVIEGMDVVKKIESFGSKSGRTSKKIVITD
CGQLS
;
_entity_poly.pdbx_strand_id   A
#
# COMPACT_ATOMS: atom_id res chain seq x y z
N GLY A 2 -5.23 -8.95 -18.47
CA GLY A 2 -5.68 -7.70 -17.91
C GLY A 2 -4.93 -7.34 -16.64
N ASN A 3 -5.37 -6.26 -16.00
CA ASN A 3 -4.67 -5.77 -14.82
C ASN A 3 -4.92 -6.70 -13.64
N PRO A 4 -3.91 -6.93 -12.82
CA PRO A 4 -4.10 -7.77 -11.65
C PRO A 4 -5.09 -7.17 -10.67
N LEU A 5 -5.84 -8.05 -10.02
CA LEU A 5 -6.53 -7.74 -8.78
C LEU A 5 -5.84 -8.49 -7.65
N VAL A 6 -5.56 -7.77 -6.56
CA VAL A 6 -4.95 -8.37 -5.39
C VAL A 6 -5.78 -8.00 -4.17
N TYR A 7 -5.54 -8.71 -3.08
CA TYR A 7 -6.30 -8.49 -1.86
C TYR A 7 -5.38 -8.41 -0.66
N LEU A 8 -5.84 -7.62 0.32
CA LEU A 8 -5.26 -7.57 1.66
C LEU A 8 -6.37 -7.85 2.64
N ASP A 9 -6.21 -8.87 3.48
CA ASP A 9 -7.12 -9.13 4.58
C ASP A 9 -6.49 -8.54 5.84
N VAL A 10 -7.23 -7.66 6.51
CA VAL A 10 -6.65 -6.82 7.56
C VAL A 10 -7.37 -7.05 8.88
N ASP A 11 -6.58 -7.29 9.93
CA ASP A 11 -7.05 -7.33 11.32
C ASP A 11 -6.75 -6.00 11.99
N ALA A 12 -7.55 -5.68 13.01
CA ALA A 12 -7.22 -4.64 13.98
C ALA A 12 -7.34 -5.29 15.35
N ASN A 13 -6.25 -5.25 16.12
CA ASN A 13 -6.21 -5.89 17.43
C ASN A 13 -6.71 -7.32 17.36
N GLY A 14 -6.29 -8.03 16.32
CA GLY A 14 -6.51 -9.45 16.22
C GLY A 14 -7.90 -9.86 15.79
N LYS A 15 -8.74 -8.91 15.38
CA LYS A 15 -10.04 -9.24 14.86
C LYS A 15 -10.20 -8.70 13.44
N PRO A 16 -10.77 -9.50 12.53
CA PRO A 16 -10.77 -9.12 11.12
C PRO A 16 -11.65 -7.91 10.87
N LEU A 17 -11.13 -7.00 10.04
CA LEU A 17 -11.91 -5.89 9.52
C LEU A 17 -12.55 -6.22 8.19
N GLY A 18 -11.96 -7.16 7.44
CA GLY A 18 -12.42 -7.48 6.12
C GLY A 18 -11.29 -7.38 5.12
N ARG A 19 -11.68 -7.23 3.87
CA ARG A 19 -10.77 -7.36 2.74
C ARG A 19 -10.73 -6.08 1.93
N VAL A 20 -9.53 -5.64 1.58
CA VAL A 20 -9.32 -4.58 0.63
C VAL A 20 -8.89 -5.22 -0.68
N VAL A 21 -9.63 -4.96 -1.76
CA VAL A 21 -9.27 -5.43 -3.09
C VAL A 21 -8.71 -4.24 -3.86
N LEU A 22 -7.57 -4.44 -4.49
CA LEU A 22 -6.86 -3.40 -5.21
C LEU A 22 -6.67 -3.84 -6.66
N GLU A 23 -6.96 -2.91 -7.57
CA GLU A 23 -6.55 -3.07 -8.96
C GLU A 23 -5.17 -2.46 -9.13
N LEU A 24 -4.26 -3.22 -9.74
CA LEU A 24 -2.91 -2.75 -10.01
C LEU A 24 -2.83 -2.38 -11.49
N LYS A 25 -2.47 -1.12 -11.76
CA LYS A 25 -2.54 -0.57 -13.11
C LYS A 25 -1.27 -0.92 -13.88
N ALA A 26 -1.13 -2.22 -14.15
CA ALA A 26 0.01 -2.72 -14.90
C ALA A 26 0.02 -2.21 -16.32
N ASP A 27 -1.13 -1.75 -16.83
CA ASP A 27 -1.18 -1.12 -18.15
C ASP A 27 -0.41 0.19 -18.19
N VAL A 28 -0.28 0.87 -17.05
CA VAL A 28 0.39 2.17 -16.96
C VAL A 28 1.77 2.05 -16.33
N VAL A 29 1.88 1.25 -15.27
CA VAL A 29 3.10 1.13 -14.47
C VAL A 29 3.36 -0.36 -14.26
N PRO A 30 3.74 -1.07 -15.31
CA PRO A 30 3.91 -2.52 -15.17
C PRO A 30 4.94 -2.93 -14.14
N LYS A 31 6.07 -2.23 -14.05
CA LYS A 31 7.12 -2.65 -13.13
C LYS A 31 6.67 -2.46 -11.68
N THR A 32 5.97 -1.36 -11.44
CA THR A 32 5.49 -1.06 -10.08
C THR A 32 4.35 -2.00 -9.70
N ALA A 33 3.45 -2.26 -10.65
CA ALA A 33 2.37 -3.20 -10.39
C ALA A 33 2.91 -4.60 -10.11
N GLU A 34 3.90 -5.04 -10.88
CA GLU A 34 4.44 -6.39 -10.71
C GLU A 34 5.09 -6.56 -9.35
N ASN A 35 5.83 -5.55 -8.89
CA ASN A 35 6.41 -5.60 -7.56
C ASN A 35 5.32 -5.83 -6.51
N PHE A 36 4.26 -5.02 -6.54
CA PHE A 36 3.22 -5.14 -5.52
C PHE A 36 2.52 -6.49 -5.62
N ARG A 37 2.22 -6.91 -6.85
CA ARG A 37 1.55 -8.19 -7.05
C ARG A 37 2.33 -9.32 -6.42
N ALA A 38 3.63 -9.40 -6.73
CA ALA A 38 4.45 -10.48 -6.20
C ALA A 38 4.63 -10.39 -4.70
N LEU A 39 4.66 -9.17 -4.14
CA LEU A 39 4.73 -9.05 -2.68
C LEU A 39 3.43 -9.51 -2.02
N CYS A 40 2.31 -9.38 -2.72
CA CYS A 40 1.05 -9.90 -2.20
C CYS A 40 1.03 -11.43 -2.23
N THR A 41 1.50 -12.05 -3.32
CA THR A 41 1.45 -13.50 -3.35
C THR A 41 2.52 -14.11 -2.47
N GLY A 42 3.61 -13.39 -2.22
CA GLY A 42 4.74 -13.92 -1.51
C GLY A 42 5.62 -14.85 -2.31
N GLU A 43 5.43 -14.90 -3.63
CA GLU A 43 6.05 -15.95 -4.44
C GLU A 43 7.56 -15.84 -4.53
N LYS A 44 8.15 -14.70 -4.19
CA LYS A 44 9.60 -14.59 -4.15
C LYS A 44 10.18 -15.02 -2.80
N GLY A 45 9.36 -15.40 -1.85
CA GLY A 45 9.83 -15.80 -0.54
C GLY A 45 9.73 -14.75 0.53
N PHE A 46 9.14 -13.60 0.22
CA PHE A 46 8.92 -12.52 1.17
C PHE A 46 7.77 -11.69 0.65
N GLY A 47 7.22 -10.84 1.50
CA GLY A 47 6.10 -10.04 1.06
C GLY A 47 5.29 -9.54 2.23
N TYR A 48 4.08 -9.09 1.91
CA TYR A 48 3.29 -8.34 2.86
C TYR A 48 2.62 -9.18 3.93
N LYS A 49 2.48 -10.49 3.74
CA LYS A 49 1.75 -11.29 4.71
C LYS A 49 2.38 -11.12 6.09
N GLY A 50 1.54 -10.79 7.07
CA GLY A 50 1.97 -10.68 8.44
C GLY A 50 2.45 -9.30 8.83
N SER A 51 2.58 -8.39 7.89
CA SER A 51 3.10 -7.05 8.16
C SER A 51 1.95 -6.10 8.50
N THR A 52 2.29 -4.85 8.77
CA THR A 52 1.35 -3.95 9.43
C THR A 52 1.13 -2.66 8.64
N PHE A 53 0.00 -2.00 8.94
CA PHE A 53 -0.17 -0.59 8.63
C PHE A 53 0.42 0.15 9.83
N HIS A 54 1.63 0.70 9.67
CA HIS A 54 2.35 1.25 10.80
C HIS A 54 2.23 2.77 10.90
N ARG A 55 1.72 3.43 9.86
CA ARG A 55 1.63 4.88 9.83
C ARG A 55 0.30 5.22 9.19
N VAL A 56 -0.61 5.78 9.98
CA VAL A 56 -1.97 6.05 9.54
C VAL A 56 -2.34 7.43 10.03
N ILE A 57 -2.70 8.32 9.10
CA ILE A 57 -3.02 9.69 9.43
C ILE A 57 -4.44 9.98 8.98
N PRO A 58 -5.36 10.24 9.90
CA PRO A 58 -6.75 10.51 9.51
C PRO A 58 -6.83 11.68 8.56
N SER A 59 -7.73 11.56 7.58
CA SER A 59 -7.93 12.57 6.56
C SER A 59 -6.70 12.74 5.67
N PHE A 60 -5.89 11.71 5.58
CA PHE A 60 -4.74 11.72 4.67
C PHE A 60 -4.56 10.35 4.02
N MET A 61 -4.00 9.38 4.74
CA MET A 61 -3.67 8.11 4.11
C MET A 61 -3.34 7.06 5.16
N CYS A 62 -3.33 5.82 4.70
CA CYS A 62 -2.95 4.66 5.50
C CYS A 62 -1.73 4.02 4.82
N GLN A 63 -0.63 3.89 5.56
CA GLN A 63 0.63 3.41 5.00
C GLN A 63 1.04 2.09 5.62
N ALA A 64 1.57 1.21 4.77
CA ALA A 64 1.95 -0.14 5.16
C ALA A 64 3.14 -0.57 4.30
N GLY A 65 3.52 -1.83 4.46
CA GLY A 65 4.45 -2.47 3.56
C GLY A 65 5.85 -2.64 4.08
N ASP A 66 6.16 -2.21 5.30
CA ASP A 66 7.49 -2.45 5.86
C ASP A 66 7.49 -3.82 6.51
N PHE A 67 7.73 -4.84 5.68
CA PHE A 67 7.72 -6.21 6.17
C PHE A 67 9.07 -6.67 6.69
N THR A 68 10.09 -5.81 6.66
CA THR A 68 11.36 -6.18 7.27
C THR A 68 11.57 -5.59 8.66
N ASN A 69 11.24 -4.31 8.85
CA ASN A 69 11.46 -3.65 10.14
C ASN A 69 10.17 -3.21 10.82
N HIS A 70 9.04 -3.25 10.14
CA HIS A 70 7.72 -3.04 10.74
C HIS A 70 7.58 -1.66 11.37
N ASN A 71 8.33 -0.69 10.88
CA ASN A 71 8.27 0.63 11.49
C ASN A 71 8.45 1.79 10.52
N GLY A 72 8.60 1.56 9.22
CA GLY A 72 8.78 2.62 8.27
C GLY A 72 10.19 2.77 7.76
N THR A 73 11.15 2.08 8.38
CA THR A 73 12.52 2.19 7.93
C THR A 73 12.89 1.13 6.89
N GLY A 74 12.03 0.14 6.64
CA GLY A 74 12.42 -1.01 5.85
C GLY A 74 11.52 -1.31 4.67
N GLY A 75 11.40 -2.59 4.39
CA GLY A 75 10.80 -3.07 3.16
C GLY A 75 11.83 -3.14 2.05
N LYS A 76 11.51 -3.93 1.02
CA LYS A 76 12.36 -4.08 -0.15
C LYS A 76 11.48 -4.50 -1.31
N SER A 77 11.94 -4.23 -2.51
CA SER A 77 11.21 -4.64 -3.70
C SER A 77 11.67 -6.02 -4.15
N ILE A 78 10.91 -6.58 -5.12
CA ILE A 78 11.31 -7.84 -5.71
C ILE A 78 12.55 -7.69 -6.58
N TYR A 79 12.91 -6.46 -6.94
CA TYR A 79 14.04 -6.21 -7.83
C TYR A 79 15.34 -5.97 -7.08
N GLY A 80 15.26 -5.61 -5.82
CA GLY A 80 16.39 -5.08 -5.07
C GLY A 80 15.86 -4.19 -3.98
N SER A 81 16.77 -3.46 -3.33
CA SER A 81 16.33 -2.67 -2.18
C SER A 81 15.50 -1.47 -2.59
N ARG A 82 15.66 -0.97 -3.81
CA ARG A 82 14.93 0.18 -4.31
C ARG A 82 14.80 0.04 -5.81
N PHE A 83 13.82 0.72 -6.38
CA PHE A 83 13.68 0.77 -7.82
C PHE A 83 13.18 2.13 -8.27
N PRO A 84 13.43 2.51 -9.51
CA PRO A 84 13.12 3.88 -9.95
C PRO A 84 11.64 4.19 -9.99
N ASP A 85 11.35 5.49 -9.99
CA ASP A 85 10.01 5.98 -10.28
C ASP A 85 9.69 5.69 -11.74
N GLU A 86 8.68 4.85 -11.95
CA GLU A 86 8.39 4.37 -13.30
C GLU A 86 7.82 5.48 -14.18
N ASN A 87 6.81 6.17 -13.67
CA ASN A 87 6.27 7.38 -14.26
C ASN A 87 5.38 8.00 -13.20
N PHE A 88 4.88 9.20 -13.49
CA PHE A 88 3.94 9.88 -12.61
C PHE A 88 2.60 10.11 -13.28
N THR A 89 2.24 9.22 -14.20
CA THR A 89 1.08 9.50 -15.06
C THR A 89 -0.23 9.46 -14.29
N LEU A 90 -0.44 8.42 -13.47
CA LEU A 90 -1.63 8.38 -12.63
C LEU A 90 -1.50 9.39 -11.50
N LYS A 91 -2.61 10.05 -11.17
CA LYS A 91 -2.59 11.12 -10.19
C LYS A 91 -3.34 10.73 -8.92
N HIS A 92 -3.05 11.47 -7.86
CA HIS A 92 -3.65 11.23 -6.56
C HIS A 92 -5.00 11.95 -6.54
N VAL A 93 -5.98 11.32 -7.18
CA VAL A 93 -7.21 11.99 -7.53
C VAL A 93 -8.26 12.01 -6.42
N GLY A 94 -8.13 11.15 -5.43
CA GLY A 94 -9.14 11.05 -4.41
C GLY A 94 -8.93 9.86 -3.50
N PRO A 95 -9.90 9.62 -2.62
CA PRO A 95 -9.83 8.45 -1.74
C PRO A 95 -9.73 7.18 -2.57
N GLY A 96 -8.94 6.24 -2.06
CA GLY A 96 -8.81 4.93 -2.68
C GLY A 96 -7.60 4.78 -3.57
N VAL A 97 -6.89 5.86 -3.85
CA VAL A 97 -5.66 5.79 -4.64
C VAL A 97 -4.59 5.00 -3.89
N LEU A 98 -3.91 4.12 -4.61
CA LEU A 98 -2.83 3.31 -4.12
C LEU A 98 -1.54 3.83 -4.73
N SER A 99 -0.58 4.18 -3.88
CA SER A 99 0.62 4.88 -4.30
C SER A 99 1.83 4.41 -3.50
N MET A 100 3.01 4.55 -4.09
CA MET A 100 4.23 4.10 -3.43
C MET A 100 4.77 5.15 -2.48
N ALA A 101 5.05 4.73 -1.25
CA ALA A 101 5.83 5.56 -0.34
C ALA A 101 7.28 5.64 -0.83
N ASN A 102 7.99 6.68 -0.43
CA ASN A 102 9.39 6.76 -0.82
C ASN A 102 10.14 7.66 0.13
N ALA A 103 11.46 7.70 -0.08
CA ALA A 103 12.39 8.56 0.64
C ALA A 103 13.09 9.49 -0.34
N GLY A 104 12.33 10.01 -1.30
CA GLY A 104 12.86 10.85 -2.34
C GLY A 104 12.76 10.16 -3.68
N PRO A 105 13.24 10.83 -4.73
CA PRO A 105 13.15 10.22 -6.07
C PRO A 105 13.83 8.87 -6.12
N ASN A 106 13.19 7.95 -6.84
CA ASN A 106 13.78 6.66 -7.17
C ASN A 106 14.17 5.83 -5.94
N THR A 107 13.25 5.77 -4.97
CA THR A 107 13.47 5.01 -3.75
C THR A 107 12.25 4.14 -3.41
N ASN A 108 11.56 3.64 -4.44
CA ASN A 108 10.46 2.73 -4.20
C ASN A 108 11.00 1.40 -3.70
N GLY A 109 10.35 0.86 -2.67
CA GLY A 109 10.72 -0.46 -2.18
C GLY A 109 9.48 -1.32 -2.11
N SER A 110 8.94 -1.49 -0.90
CA SER A 110 7.66 -2.16 -0.72
C SER A 110 6.62 -1.29 -0.02
N GLN A 111 7.02 -0.22 0.66
CA GLN A 111 6.04 0.57 1.39
C GLN A 111 5.12 1.30 0.44
N PHE A 112 3.85 1.38 0.82
CA PHE A 112 2.80 1.92 -0.01
C PHE A 112 1.78 2.58 0.89
N PHE A 113 0.89 3.36 0.26
CA PHE A 113 -0.18 3.97 1.01
C PHE A 113 -1.46 3.98 0.19
N ILE A 114 -2.57 3.99 0.91
CA ILE A 114 -3.89 4.14 0.35
C ILE A 114 -4.41 5.48 0.83
N CYS A 115 -4.73 6.36 -0.10
CA CYS A 115 -5.22 7.68 0.24
C CYS A 115 -6.65 7.63 0.72
N THR A 116 -7.00 8.53 1.64
CA THR A 116 -8.38 8.68 2.07
C THR A 116 -8.95 10.03 1.71
N ILE A 117 -8.21 10.82 0.92
CA ILE A 117 -8.58 12.13 0.41
C ILE A 117 -7.78 12.30 -0.88
N LYS A 118 -8.15 13.28 -1.69
CA LYS A 118 -7.30 13.74 -2.78
C LYS A 118 -6.03 14.33 -2.18
N THR A 119 -4.88 13.82 -2.61
CA THR A 119 -3.58 14.30 -2.13
C THR A 119 -2.78 14.83 -3.31
N ASP A 120 -3.24 15.95 -3.87
CA ASP A 120 -2.70 16.42 -5.14
C ASP A 120 -1.23 16.82 -5.04
N TRP A 121 -0.76 17.21 -3.86
CA TRP A 121 0.62 17.65 -3.71
C TRP A 121 1.60 16.50 -3.88
N LEU A 122 1.14 15.27 -3.86
CA LEU A 122 2.01 14.12 -4.09
C LEU A 122 2.16 13.80 -5.56
N ASP A 123 1.38 14.44 -6.43
CA ASP A 123 1.50 14.21 -7.86
C ASP A 123 2.90 14.61 -8.32
N GLY A 124 3.54 13.72 -9.08
CA GLY A 124 4.89 13.97 -9.54
C GLY A 124 5.96 13.62 -8.55
N LYS A 125 5.59 13.18 -7.35
CA LYS A 125 6.52 12.81 -6.30
C LYS A 125 6.38 11.35 -5.90
N HIS A 126 5.16 10.82 -5.88
CA HIS A 126 4.91 9.42 -5.58
C HIS A 126 4.25 8.76 -6.77
N VAL A 127 4.68 7.54 -7.06
CA VAL A 127 4.12 6.77 -8.17
C VAL A 127 2.82 6.11 -7.75
N VAL A 128 1.73 6.56 -8.36
CA VAL A 128 0.42 5.93 -8.22
C VAL A 128 0.39 4.71 -9.11
N PHE A 129 -0.13 3.61 -8.58
CA PHE A 129 -0.13 2.37 -9.33
C PHE A 129 -1.40 1.55 -9.17
N GLY A 130 -2.44 2.08 -8.57
CA GLY A 130 -3.67 1.33 -8.50
C GLY A 130 -4.72 2.07 -7.70
N HIS A 131 -5.78 1.35 -7.37
CA HIS A 131 -6.86 1.92 -6.57
C HIS A 131 -7.70 0.82 -5.96
N VAL A 132 -8.45 1.20 -4.93
CA VAL A 132 -9.34 0.30 -4.22
C VAL A 132 -10.56 -0.01 -5.10
N ILE A 133 -10.79 -1.30 -5.33
CA ILE A 133 -11.96 -1.81 -6.03
C ILE A 133 -13.11 -2.07 -5.06
N GLU A 134 -12.79 -2.62 -3.90
CA GLU A 134 -13.74 -2.97 -2.88
C GLU A 134 -13.02 -2.87 -1.54
N GLY A 135 -13.77 -2.56 -0.50
CA GLY A 135 -13.20 -2.51 0.83
C GLY A 135 -12.82 -1.14 1.32
N MET A 136 -13.35 -0.09 0.72
CA MET A 136 -13.09 1.22 1.30
C MET A 136 -13.58 1.30 2.74
N ASP A 137 -14.62 0.54 3.10
CA ASP A 137 -15.04 0.52 4.49
C ASP A 137 -13.91 0.06 5.41
N VAL A 138 -13.13 -0.93 4.95
CA VAL A 138 -11.98 -1.39 5.72
C VAL A 138 -10.94 -0.29 5.82
N VAL A 139 -10.67 0.40 4.72
CA VAL A 139 -9.73 1.51 4.73
C VAL A 139 -10.18 2.59 5.72
N LYS A 140 -11.48 2.91 5.73
CA LYS A 140 -11.96 3.93 6.67
C LYS A 140 -11.80 3.47 8.11
N LYS A 141 -11.99 2.17 8.38
CA LYS A 141 -11.73 1.66 9.72
C LYS A 141 -10.25 1.87 10.07
N ILE A 142 -9.36 1.43 9.18
CA ILE A 142 -7.94 1.61 9.42
C ILE A 142 -7.63 3.07 9.72
N GLU A 143 -8.12 3.96 8.87
CA GLU A 143 -7.89 5.40 9.01
C GLU A 143 -8.30 5.88 10.39
N SER A 144 -9.43 5.37 10.89
CA SER A 144 -9.96 5.81 12.17
C SER A 144 -9.07 5.40 13.35
N PHE A 145 -8.14 4.48 13.13
CA PHE A 145 -7.20 4.06 14.15
C PHE A 145 -5.85 4.75 14.01
N GLY A 146 -5.76 5.79 13.19
CA GLY A 146 -4.56 6.58 13.07
C GLY A 146 -4.56 7.76 14.02
N SER A 147 -3.58 8.64 13.81
CA SER A 147 -3.41 9.81 14.65
C SER A 147 -2.64 10.84 13.84
N LYS A 148 -2.59 12.06 14.35
CA LYS A 148 -1.85 13.11 13.65
C LYS A 148 -0.39 12.71 13.44
N SER A 149 0.21 12.02 14.43
CA SER A 149 1.60 11.62 14.35
C SER A 149 1.83 10.42 13.45
N GLY A 150 0.75 9.77 13.03
CA GLY A 150 0.84 8.54 12.27
C GLY A 150 0.81 7.29 13.11
N ARG A 151 1.07 7.39 14.41
CA ARG A 151 1.04 6.25 15.28
C ARG A 151 -0.38 5.68 15.35
N THR A 152 -0.50 4.37 15.24
CA THR A 152 -1.80 3.75 15.28
C THR A 152 -2.21 3.44 16.72
N SER A 153 -3.52 3.44 16.95
CA SER A 153 -4.09 3.16 18.26
C SER A 153 -4.61 1.73 18.38
N LYS A 154 -4.58 0.98 17.29
CA LYS A 154 -4.79 -0.45 17.27
C LYS A 154 -3.68 -1.05 16.40
N LYS A 155 -3.38 -2.34 16.63
CA LYS A 155 -2.38 -3.03 15.86
C LYS A 155 -3.04 -3.52 14.59
N ILE A 156 -2.63 -2.96 13.43
CA ILE A 156 -3.32 -3.21 12.17
C ILE A 156 -2.43 -4.12 11.33
N VAL A 157 -2.89 -5.34 11.08
CA VAL A 157 -2.06 -6.40 10.51
C VAL A 157 -2.70 -6.92 9.23
N ILE A 158 -1.90 -7.02 8.17
CA ILE A 158 -2.28 -7.73 6.95
C ILE A 158 -2.08 -9.21 7.25
N THR A 159 -3.15 -9.91 7.58
CA THR A 159 -3.00 -11.30 7.98
C THR A 159 -2.81 -12.22 6.80
N ASP A 160 -3.39 -11.86 5.66
CA ASP A 160 -3.35 -12.66 4.44
C ASP A 160 -3.40 -11.68 3.28
N CYS A 161 -2.84 -12.11 2.16
CA CYS A 161 -2.84 -11.29 0.96
C CYS A 161 -2.53 -12.20 -0.21
N GLY A 162 -2.85 -11.73 -1.41
CA GLY A 162 -2.64 -12.57 -2.56
C GLY A 162 -3.25 -11.94 -3.80
N GLN A 163 -3.31 -12.76 -4.84
CA GLN A 163 -3.78 -12.33 -6.15
C GLN A 163 -5.09 -13.03 -6.47
N LEU A 164 -6.08 -12.23 -6.86
CA LEU A 164 -7.38 -12.75 -7.26
C LEU A 164 -7.48 -13.04 -8.75
N SER A 165 -6.78 -12.27 -9.58
CA SER A 165 -6.78 -12.44 -11.03
C SER A 165 -5.65 -11.62 -11.63
#